data_6B7H
#
_entry.id   6B7H
#
_cell.length_a   80.081
_cell.length_b   80.081
_cell.length_c   161.887
_cell.angle_alpha   90.000
_cell.angle_beta   90.000
_cell.angle_gamma   120.000
#
_symmetry.space_group_name_H-M   'P 32 2 1'
#
loop_
_entity.id
_entity.type
_entity.pdbx_description
1 polymer 'Metabotropic glutamate receptor 3'
2 branched 2-acetamido-2-deoxy-beta-D-glucopyranose-(1-4)-2-acetamido-2-deoxy-beta-D-glucopyranose
3 non-polymer 2-acetamido-2-deoxy-beta-D-glucopyranose
4 non-polymer '(1S,2S,4S,5R,6S)-2-amino-4-[(3-methoxybenzene-1-carbonyl)amino]bicyclo[3.1.0]hexane-2,6-dicarboxylic acid'
5 non-polymer 'CALCIUM ION'
6 water water
#
_entity_poly.entity_id   1
_entity_poly.type   'polypeptide(L)'
_entity_poly.pdbx_seq_one_letter_code
;MALKMLTRLQVLTLALFSKGFLLSLGDHNFLRREIKIEGDLVLGGLFPINEKGTGTEECGRINEDRGIQRLEAMLFAIDE
INKDDYLLPGVKLGVHILDTCSRDTYALEQSLEFVRASLTKVDEAEYMCPDGSYAIQENIPLLIAGVIGGSYSSVSIQVA
NLLRLFQIPQISYASTSAKLSDKSRYDYFARTVPPDFYQAKAMAEILRFFNWTYVSTVASEGDYGETGIEAFEQEARLRN
ISIATAEKVGRSNIRKSYDSVIRELLQKPNARVVVLFMRSDDSRELIAAASRANASFTWVASDGWGAQESIIKGSEHVAY
GAITLELASQPVRQFDRYFQSLNPYNNHRNPWFRDFWEQKFQCSLQNKRNHRRVCDKHLAIDSSNYEQESKIMFVVNAVY
AMAHALHKMQRTLCPNTTKLCDAMKILDGKKLYKDYLLKINFTAPFNPNKDADSIVKFDTFGDGMGRYNVFNFQNVGGKY
SYLKVGHWAETLSLDVNSIHWSRNSVPTSEGHHHHHH
;
_entity_poly.pdbx_strand_id   A
#
# COMPACT_ATOMS: atom_id res chain seq x y z
N ARG A 32 15.43 -8.87 14.78
CA ARG A 32 14.07 -9.40 14.81
C ARG A 32 13.31 -8.99 16.10
N ARG A 33 12.42 -8.00 15.93
CA ARG A 33 11.57 -7.44 16.97
C ARG A 33 10.10 -7.79 16.64
N GLU A 34 9.18 -7.64 17.58
CA GLU A 34 7.76 -7.95 17.38
C GLU A 34 6.85 -7.16 18.36
N ILE A 35 5.54 -7.12 18.09
CA ILE A 35 4.52 -6.52 18.96
C ILE A 35 3.52 -7.63 19.33
N LYS A 36 3.65 -8.20 20.54
CA LYS A 36 2.76 -9.24 21.08
C LYS A 36 2.04 -8.60 22.28
N ILE A 37 0.67 -8.53 22.25
CA ILE A 37 -0.10 -7.90 23.32
C ILE A 37 -0.96 -8.98 24.08
N GLY A 39 -4.59 -10.28 24.42
CA GLY A 39 -6.00 -10.33 24.07
C GLY A 39 -6.64 -11.73 24.00
N ASP A 40 -8.00 -11.79 24.07
CA ASP A 40 -8.85 -13.01 23.99
C ASP A 40 -8.74 -13.70 22.61
N LEU A 41 -8.80 -12.88 21.54
CA LEU A 41 -8.56 -13.29 20.16
C LEU A 41 -7.38 -12.43 19.71
N VAL A 42 -6.46 -12.98 18.90
CA VAL A 42 -5.28 -12.24 18.45
C VAL A 42 -5.25 -12.14 16.91
N LEU A 43 -4.81 -10.97 16.42
CA LEU A 43 -4.63 -10.68 15.01
C LEU A 43 -3.16 -10.58 14.69
N GLY A 44 -2.79 -11.20 13.58
CA GLY A 44 -1.45 -11.11 13.04
C GLY A 44 -1.36 -9.83 12.23
N GLY A 45 -0.21 -9.20 12.29
CA GLY A 45 0.09 -7.97 11.55
C GLY A 45 1.39 -8.09 10.80
N LEU A 46 1.38 -7.65 9.51
CA LEU A 46 2.57 -7.65 8.64
C LEU A 46 2.70 -6.33 7.88
N PHE A 47 3.85 -5.65 8.10
CA PHE A 47 4.15 -4.34 7.51
C PHE A 47 5.60 -4.25 7.07
N PRO A 48 5.89 -3.51 5.97
CA PRO A 48 7.28 -3.37 5.53
C PRO A 48 7.98 -2.30 6.36
N ILE A 49 8.14 -2.53 7.68
CA ILE A 49 8.75 -1.57 8.61
C ILE A 49 10.16 -1.20 8.12
N ASN A 50 10.87 -2.18 7.52
CA ASN A 50 12.23 -2.02 7.00
C ASN A 50 12.33 -2.26 5.52
N GLU A 51 13.41 -1.71 4.92
CA GLU A 51 13.81 -1.69 3.52
C GLU A 51 15.33 -1.95 3.49
N LYS A 52 15.98 -1.90 2.28
CA LYS A 52 17.44 -2.06 2.16
C LYS A 52 18.11 -0.68 2.30
N GLU A 57 21.83 -7.66 5.18
CA GLU A 57 21.74 -6.20 5.12
C GLU A 57 20.59 -5.72 4.23
N GLU A 58 19.51 -6.53 4.15
CA GLU A 58 18.31 -6.19 3.35
C GLU A 58 17.21 -5.53 4.21
N CYS A 59 17.53 -5.31 5.51
CA CYS A 59 16.79 -4.60 6.54
C CYS A 59 17.82 -3.66 7.06
N GLY A 60 17.50 -2.38 7.09
CA GLY A 60 18.50 -1.42 7.57
C GLY A 60 18.04 0.01 7.56
N ARG A 61 16.99 0.29 6.75
CA ARG A 61 16.38 1.58 6.60
C ARG A 61 14.89 1.41 6.92
N ILE A 62 14.33 2.30 7.75
CA ILE A 62 12.91 2.30 8.10
C ILE A 62 12.08 2.84 6.90
N ASN A 63 10.86 2.33 6.77
CA ASN A 63 9.87 2.82 5.84
C ASN A 63 8.91 3.63 6.76
N GLU A 64 9.15 4.95 6.86
CA GLU A 64 8.41 5.85 7.74
C GLU A 64 6.88 5.85 7.53
N ASP A 65 6.43 5.97 6.26
CA ASP A 65 5.02 6.11 5.94
C ASP A 65 4.34 4.80 5.63
N ARG A 66 4.92 3.98 4.74
CA ARG A 66 4.33 2.67 4.44
C ARG A 66 4.65 1.58 5.48
N GLY A 67 5.49 1.88 6.44
CA GLY A 67 5.87 0.95 7.47
C GLY A 67 5.40 1.37 8.83
N ILE A 68 6.09 2.35 9.42
CA ILE A 68 5.81 2.82 10.80
C ILE A 68 4.39 3.35 10.97
N GLN A 69 3.98 4.27 10.08
CA GLN A 69 2.67 4.89 10.11
C GLN A 69 1.56 3.85 9.94
N ARG A 70 1.77 2.88 9.02
CA ARG A 70 0.79 1.84 8.74
C ARG A 70 0.61 0.92 9.92
N LEU A 71 1.73 0.52 10.55
CA LEU A 71 1.76 -0.31 11.75
C LEU A 71 0.89 0.36 12.82
N GLU A 72 1.14 1.66 13.06
CA GLU A 72 0.43 2.42 14.08
C GLU A 72 -1.04 2.63 13.73
N ALA A 73 -1.43 2.50 12.46
CA ALA A 73 -2.86 2.60 12.10
C ALA A 73 -3.60 1.35 12.56
N MET A 74 -2.89 0.18 12.60
CA MET A 74 -3.44 -1.08 13.12
C MET A 74 -3.56 -1.00 14.64
N LEU A 75 -2.53 -0.44 15.31
CA LEU A 75 -2.49 -0.26 16.76
C LEU A 75 -3.61 0.67 17.26
N PHE A 76 -3.87 1.75 16.52
CA PHE A 76 -4.96 2.73 16.78
C PHE A 76 -6.30 2.00 16.66
N ALA A 77 -6.50 1.28 15.53
CA ALA A 77 -7.71 0.52 15.22
C ALA A 77 -8.07 -0.53 16.28
N ILE A 78 -7.06 -1.26 16.80
CA ILE A 78 -7.23 -2.28 17.85
C ILE A 78 -7.67 -1.62 19.19
N ASP A 79 -7.06 -0.47 19.54
CA ASP A 79 -7.42 0.32 20.73
C ASP A 79 -8.85 0.81 20.59
N GLU A 80 -9.23 1.23 19.39
CA GLU A 80 -10.56 1.76 19.14
C GLU A 80 -11.65 0.70 19.29
N ILE A 81 -11.47 -0.49 18.66
CA ILE A 81 -12.40 -1.62 18.77
C ILE A 81 -12.50 -2.09 20.22
N ASN A 82 -11.35 -2.16 20.94
CA ASN A 82 -11.28 -2.58 22.34
C ASN A 82 -12.00 -1.62 23.28
N LYS A 83 -12.44 -0.45 22.76
CA LYS A 83 -13.19 0.58 23.49
C LYS A 83 -14.66 0.63 22.98
N ASP A 84 -14.94 0.03 21.78
CA ASP A 84 -16.26 -0.02 21.14
C ASP A 84 -17.26 -0.95 21.86
N ASP A 85 -18.23 -0.34 22.59
CA ASP A 85 -19.29 -1.06 23.30
C ASP A 85 -20.16 -1.91 22.33
N TYR A 86 -20.42 -1.39 21.13
CA TYR A 86 -21.25 -2.04 20.13
C TYR A 86 -20.51 -3.08 19.27
N LEU A 87 -19.24 -2.84 18.93
CA LEU A 87 -18.48 -3.78 18.12
C LEU A 87 -17.54 -4.64 18.96
N LEU A 88 -17.79 -5.94 18.93
CA LEU A 88 -17.02 -6.99 19.58
C LEU A 88 -16.69 -6.68 21.06
N PRO A 89 -17.70 -6.40 21.94
CA PRO A 89 -17.39 -6.22 23.37
C PRO A 89 -17.18 -7.60 24.00
N GLY A 90 -16.65 -7.64 25.23
CA GLY A 90 -16.39 -8.91 25.90
C GLY A 90 -15.33 -9.79 25.26
N VAL A 91 -14.83 -9.41 24.06
CA VAL A 91 -13.75 -10.13 23.35
C VAL A 91 -12.69 -9.09 23.03
N LYS A 92 -11.62 -9.08 23.82
CA LYS A 92 -10.53 -8.13 23.63
C LYS A 92 -9.59 -8.69 22.55
N LEU A 93 -9.17 -7.81 21.61
CA LEU A 93 -8.25 -8.18 20.55
C LEU A 93 -6.82 -7.85 20.94
N GLY A 94 -5.96 -8.83 20.75
CA GLY A 94 -4.51 -8.72 20.96
C GLY A 94 -3.84 -8.71 19.59
N VAL A 95 -2.50 -8.54 19.56
CA VAL A 95 -1.79 -8.50 18.27
C VAL A 95 -0.48 -9.27 18.26
N HIS A 96 -0.07 -9.69 17.06
CA HIS A 96 1.23 -10.28 16.81
C HIS A 96 1.69 -9.60 15.57
N ILE A 97 2.38 -8.45 15.75
CA ILE A 97 2.80 -7.67 14.59
C ILE A 97 4.30 -7.87 14.31
N LEU A 98 4.58 -8.17 13.03
CA LEU A 98 5.92 -8.46 12.53
C LEU A 98 6.25 -7.67 11.27
N ASP A 99 7.57 -7.40 11.09
CA ASP A 99 8.17 -6.72 9.96
C ASP A 99 8.38 -7.72 8.83
N THR A 100 8.19 -7.28 7.56
CA THR A 100 8.39 -8.13 6.38
C THR A 100 9.71 -7.83 5.69
N CYS A 101 10.40 -6.75 6.11
CA CYS A 101 11.66 -6.26 5.53
C CYS A 101 11.58 -6.04 4.03
N SER A 102 10.36 -5.73 3.52
CA SER A 102 10.05 -5.44 2.12
C SER A 102 10.43 -6.60 1.15
N ARG A 103 10.47 -7.86 1.68
CA ARG A 103 10.86 -9.10 0.99
C ARG A 103 9.93 -10.26 1.33
N ASP A 104 9.62 -11.12 0.37
CA ASP A 104 8.71 -12.25 0.58
C ASP A 104 9.33 -13.41 1.37
N THR A 105 10.65 -13.67 1.23
CA THR A 105 11.33 -14.74 1.99
C THR A 105 11.33 -14.42 3.49
N TYR A 106 11.64 -13.15 3.83
CA TYR A 106 11.67 -12.66 5.20
C TYR A 106 10.26 -12.76 5.75
N ALA A 107 9.27 -12.31 4.98
CA ALA A 107 7.85 -12.35 5.32
C ALA A 107 7.39 -13.76 5.65
N LEU A 108 7.83 -14.77 4.85
CA LEU A 108 7.48 -16.18 5.05
C LEU A 108 8.18 -16.70 6.30
N GLU A 109 9.47 -16.33 6.52
CA GLU A 109 10.20 -16.72 7.73
C GLU A 109 9.39 -16.25 8.98
N GLN A 110 8.94 -15.00 8.92
CA GLN A 110 8.13 -14.33 9.91
C GLN A 110 6.75 -14.97 10.08
N SER A 111 6.05 -15.29 8.98
CA SER A 111 4.71 -15.89 9.03
C SER A 111 4.64 -17.25 9.72
N LEU A 112 5.79 -17.98 9.79
CA LEU A 112 5.88 -19.27 10.49
C LEU A 112 5.56 -19.12 11.97
N GLU A 113 5.76 -17.93 12.51
CA GLU A 113 5.45 -17.62 13.90
C GLU A 113 3.94 -17.72 14.14
N PHE A 114 3.13 -17.24 13.18
CA PHE A 114 1.66 -17.30 13.24
C PHE A 114 1.13 -18.72 13.13
N VAL A 115 1.97 -19.71 12.71
CA VAL A 115 1.53 -21.10 12.48
C VAL A 115 2.31 -22.13 13.28
N ARG A 116 3.36 -21.70 14.03
CA ARG A 116 4.21 -22.56 14.86
C ARG A 116 3.36 -23.38 15.82
N ALA A 117 2.30 -22.74 16.37
CA ALA A 117 1.34 -23.35 17.29
C ALA A 117 0.71 -24.60 16.67
N SER A 118 0.08 -24.46 15.50
CA SER A 118 -0.60 -25.54 14.80
C SER A 118 0.35 -26.61 14.21
N LEU A 119 1.59 -26.72 14.77
CA LEU A 119 2.63 -27.69 14.40
C LEU A 119 3.20 -28.38 15.65
N PRO A 141 2.88 -20.24 20.50
CA PRO A 141 1.93 -20.40 21.62
C PRO A 141 0.63 -19.61 21.45
N LEU A 142 0.70 -18.41 20.83
CA LEU A 142 -0.48 -17.57 20.58
C LEU A 142 -1.25 -18.08 19.36
N LEU A 143 -2.60 -18.21 19.48
CA LEU A 143 -3.43 -18.67 18.38
C LEU A 143 -4.09 -17.50 17.61
N ILE A 144 -3.55 -17.26 16.40
CA ILE A 144 -3.90 -16.19 15.46
C ILE A 144 -5.23 -16.50 14.76
N ALA A 145 -6.19 -15.57 14.91
CA ALA A 145 -7.52 -15.64 14.31
C ALA A 145 -7.43 -15.30 12.82
N GLY A 146 -6.77 -14.17 12.51
CA GLY A 146 -6.62 -13.66 11.15
C GLY A 146 -5.38 -12.80 11.01
N VAL A 147 -4.93 -12.54 9.76
CA VAL A 147 -3.72 -11.75 9.50
C VAL A 147 -4.05 -10.49 8.69
N ILE A 148 -3.57 -9.34 9.19
CA ILE A 148 -3.66 -8.04 8.55
C ILE A 148 -2.26 -7.82 7.89
N GLY A 149 -2.25 -7.74 6.58
CA GLY A 149 -1.02 -7.57 5.83
C GLY A 149 -0.92 -8.56 4.69
N GLY A 150 0.13 -8.48 3.88
CA GLY A 150 1.19 -7.50 3.99
C GLY A 150 0.84 -6.30 3.18
N SER A 151 1.84 -5.55 2.76
CA SER A 151 1.59 -4.37 1.95
C SER A 151 1.79 -4.72 0.49
N TYR A 152 2.96 -5.29 0.22
CA TYR A 152 3.44 -5.60 -1.10
C TYR A 152 2.86 -6.94 -1.58
N SER A 153 2.46 -7.00 -2.87
CA SER A 153 1.83 -8.18 -3.44
C SER A 153 2.69 -9.45 -3.36
N SER A 154 4.01 -9.35 -3.57
CA SER A 154 4.83 -10.55 -3.53
C SER A 154 4.77 -11.19 -2.12
N VAL A 155 4.75 -10.33 -1.07
CA VAL A 155 4.69 -10.66 0.35
C VAL A 155 3.35 -11.26 0.62
N SER A 156 2.27 -10.51 0.33
CA SER A 156 0.91 -11.00 0.50
C SER A 156 0.69 -12.37 -0.16
N ILE A 157 1.28 -12.61 -1.36
CA ILE A 157 1.17 -13.89 -2.07
C ILE A 157 1.91 -14.97 -1.32
N GLN A 158 3.15 -14.65 -0.85
CA GLN A 158 4.02 -15.59 -0.16
C GLN A 158 3.44 -16.05 1.16
N VAL A 159 2.76 -15.13 1.84
CA VAL A 159 2.07 -15.33 3.12
C VAL A 159 0.81 -16.18 2.92
N ALA A 160 -0.06 -15.78 1.99
CA ALA A 160 -1.30 -16.48 1.60
C ALA A 160 -1.07 -17.97 1.28
N ASN A 161 0.12 -18.29 0.76
CA ASN A 161 0.48 -19.66 0.46
C ASN A 161 0.65 -20.45 1.71
N LEU A 162 1.25 -19.86 2.75
CA LEU A 162 1.41 -20.53 4.03
C LEU A 162 0.11 -20.54 4.81
N LEU A 163 -0.55 -19.36 4.92
CA LEU A 163 -1.78 -19.23 5.72
C LEU A 163 -2.99 -20.06 5.25
N ARG A 164 -3.16 -20.28 3.93
CA ARG A 164 -4.29 -21.10 3.50
C ARG A 164 -4.23 -22.57 4.04
N LEU A 165 -3.02 -23.14 4.20
CA LEU A 165 -2.76 -24.48 4.74
C LEU A 165 -3.29 -24.67 6.15
N PHE A 166 -3.35 -23.58 6.94
CA PHE A 166 -3.81 -23.55 8.34
C PHE A 166 -5.17 -22.85 8.50
N GLN A 167 -5.82 -22.53 7.38
CA GLN A 167 -7.14 -21.90 7.31
C GLN A 167 -7.20 -20.54 8.07
N ILE A 168 -6.21 -19.67 7.83
CA ILE A 168 -6.20 -18.37 8.49
C ILE A 168 -6.63 -17.25 7.53
N PRO A 169 -7.78 -16.55 7.77
CA PRO A 169 -8.19 -15.45 6.87
C PRO A 169 -7.14 -14.36 6.85
N GLN A 170 -6.91 -13.74 5.68
CA GLN A 170 -5.92 -12.69 5.47
C GLN A 170 -6.53 -11.51 4.72
N ILE A 171 -6.22 -10.28 5.18
CA ILE A 171 -6.71 -9.04 4.59
C ILE A 171 -5.56 -8.10 4.31
N SER A 172 -5.35 -7.74 3.02
CA SER A 172 -4.33 -6.75 2.70
C SER A 172 -4.95 -5.38 2.55
N TYR A 173 -4.20 -4.37 2.96
CA TYR A 173 -4.56 -2.97 2.93
C TYR A 173 -3.79 -2.22 1.81
N ALA A 174 -3.05 -2.93 0.91
CA ALA A 174 -2.21 -2.30 -0.14
C ALA A 174 -1.82 -3.19 -1.33
N SER A 175 -1.92 -4.53 -1.20
CA SER A 175 -1.53 -5.46 -2.28
C SER A 175 -2.60 -5.45 -3.32
N THR A 176 -2.31 -4.82 -4.47
CA THR A 176 -3.26 -4.58 -5.57
C THR A 176 -3.13 -5.55 -6.74
N SER A 177 -2.28 -6.61 -6.65
CA SER A 177 -2.09 -7.52 -7.77
C SER A 177 -3.29 -8.34 -8.13
N ALA A 178 -3.72 -8.22 -9.38
CA ALA A 178 -4.82 -9.04 -9.90
C ALA A 178 -4.64 -10.58 -9.67
N LYS A 179 -3.38 -11.05 -9.44
CA LYS A 179 -3.09 -12.48 -9.16
C LYS A 179 -3.84 -12.95 -7.90
N LEU A 180 -4.01 -12.03 -6.93
CA LEU A 180 -4.68 -12.29 -5.65
C LEU A 180 -6.22 -12.41 -5.75
N SER A 181 -6.80 -12.05 -6.91
CA SER A 181 -8.24 -12.21 -7.11
C SER A 181 -8.59 -13.68 -7.44
N ASP A 182 -7.55 -14.50 -7.68
CA ASP A 182 -7.67 -15.92 -8.02
C ASP A 182 -8.03 -16.74 -6.76
N LYS A 183 -9.37 -16.87 -6.53
CA LYS A 183 -9.94 -17.53 -5.35
C LYS A 183 -9.77 -19.03 -5.34
N SER A 184 -9.39 -19.63 -6.47
CA SER A 184 -9.09 -21.05 -6.44
C SER A 184 -7.79 -21.18 -5.60
N ARG A 185 -6.74 -20.45 -6.00
CA ARG A 185 -5.42 -20.33 -5.38
C ARG A 185 -5.37 -19.58 -4.00
N TYR A 186 -5.94 -18.37 -3.90
CA TYR A 186 -5.91 -17.54 -2.69
C TYR A 186 -7.26 -17.52 -1.99
N ASP A 187 -7.71 -18.73 -1.61
CA ASP A 187 -9.01 -19.00 -1.00
C ASP A 187 -9.19 -18.49 0.44
N TYR A 188 -8.14 -17.92 1.06
CA TYR A 188 -8.25 -17.35 2.41
C TYR A 188 -7.86 -15.88 2.43
N PHE A 189 -7.65 -15.26 1.25
CA PHE A 189 -7.22 -13.88 1.11
C PHE A 189 -8.36 -12.96 0.66
N ALA A 190 -8.41 -11.77 1.26
CA ALA A 190 -9.33 -10.69 0.98
C ALA A 190 -8.53 -9.43 1.09
N ARG A 191 -9.02 -8.34 0.55
CA ARG A 191 -8.27 -7.09 0.59
C ARG A 191 -9.23 -5.87 0.60
N THR A 192 -8.83 -4.75 1.26
CA THR A 192 -9.66 -3.54 1.25
C THR A 192 -9.33 -2.64 0.08
N VAL A 193 -8.54 -3.17 -0.84
CA VAL A 193 -8.08 -2.41 -2.00
C VAL A 193 -8.54 -3.09 -3.31
N PRO A 194 -8.64 -2.35 -4.44
CA PRO A 194 -9.04 -3.01 -5.68
C PRO A 194 -7.90 -3.75 -6.38
N PRO A 195 -8.22 -4.59 -7.40
CA PRO A 195 -7.16 -5.22 -8.22
C PRO A 195 -6.63 -4.20 -9.24
N ASP A 196 -5.43 -4.43 -9.81
CA ASP A 196 -4.86 -3.49 -10.75
C ASP A 196 -5.42 -3.59 -12.17
N PHE A 197 -6.48 -4.40 -12.33
CA PHE A 197 -7.25 -4.49 -13.56
C PHE A 197 -7.80 -3.06 -13.81
N TYR A 198 -8.30 -2.40 -12.75
CA TYR A 198 -8.86 -1.06 -12.76
C TYR A 198 -7.82 0.03 -12.93
N GLN A 199 -6.71 -0.02 -12.16
CA GLN A 199 -5.65 0.98 -12.25
C GLN A 199 -5.09 1.06 -13.67
N ALA A 200 -4.90 -0.09 -14.31
CA ALA A 200 -4.41 -0.21 -15.69
C ALA A 200 -5.40 0.44 -16.64
N LYS A 201 -6.72 0.17 -16.47
CA LYS A 201 -7.80 0.80 -17.25
C LYS A 201 -7.79 2.33 -17.00
N ALA A 202 -7.63 2.77 -15.74
CA ALA A 202 -7.57 4.17 -15.36
C ALA A 202 -6.47 4.89 -16.15
N MET A 203 -5.23 4.38 -16.06
CA MET A 203 -4.04 4.90 -16.75
C MET A 203 -4.20 4.92 -18.25
N ALA A 204 -4.76 3.83 -18.83
CA ALA A 204 -5.03 3.73 -20.26
C ALA A 204 -5.96 4.84 -20.72
N GLU A 205 -7.01 5.11 -19.91
CA GLU A 205 -7.99 6.16 -20.14
C GLU A 205 -7.36 7.55 -20.05
N ILE A 206 -6.37 7.75 -19.16
CA ILE A 206 -5.65 9.03 -19.07
C ILE A 206 -4.94 9.28 -20.40
N LEU A 207 -4.23 8.25 -20.93
CA LEU A 207 -3.51 8.35 -22.20
C LEU A 207 -4.45 8.67 -23.33
N ARG A 208 -5.63 7.98 -23.37
CA ARG A 208 -6.64 8.14 -24.42
C ARG A 208 -7.18 9.56 -24.50
N PHE A 209 -7.53 10.12 -23.34
CA PHE A 209 -8.00 11.49 -23.14
C PHE A 209 -7.02 12.49 -23.79
N PHE A 210 -5.75 12.48 -23.37
CA PHE A 210 -4.69 13.37 -23.86
C PHE A 210 -4.15 12.98 -25.22
N ASN A 211 -4.71 11.90 -25.80
CA ASN A 211 -4.34 11.33 -27.09
C ASN A 211 -2.85 10.95 -27.16
N TRP A 212 -2.37 10.20 -26.15
CA TRP A 212 -1.02 9.67 -26.07
C TRP A 212 -1.07 8.30 -26.71
N THR A 213 -0.92 8.35 -28.05
CA THR A 213 -1.04 7.29 -29.02
C THR A 213 0.24 6.43 -29.15
N TYR A 214 1.41 7.00 -28.87
CA TYR A 214 2.68 6.29 -28.95
C TYR A 214 3.43 6.47 -27.64
N VAL A 215 3.35 5.45 -26.77
CA VAL A 215 3.98 5.50 -25.45
C VAL A 215 4.89 4.34 -25.23
N SER A 216 5.74 4.43 -24.20
CA SER A 216 6.60 3.34 -23.83
C SER A 216 6.24 2.86 -22.43
N THR A 217 6.65 1.64 -22.07
CA THR A 217 6.36 1.11 -20.76
C THR A 217 7.61 0.56 -20.13
N VAL A 218 7.73 0.72 -18.79
CA VAL A 218 8.79 0.17 -17.93
C VAL A 218 8.05 -0.45 -16.75
N ALA A 219 8.29 -1.74 -16.47
CA ALA A 219 7.61 -2.45 -15.39
C ALA A 219 8.54 -3.29 -14.56
N SER A 220 8.21 -3.38 -13.27
CA SER A 220 8.94 -4.18 -12.31
C SER A 220 8.61 -5.65 -12.56
N GLU A 221 9.60 -6.53 -12.49
CA GLU A 221 9.30 -7.95 -12.57
C GLU A 221 8.71 -8.33 -11.18
N GLY A 222 8.00 -9.45 -11.12
CA GLY A 222 7.33 -9.82 -9.90
C GLY A 222 5.83 -9.77 -10.06
N ASP A 223 5.13 -10.03 -8.97
CA ASP A 223 3.70 -10.15 -8.92
C ASP A 223 2.90 -8.85 -9.10
N TYR A 224 3.50 -7.66 -8.85
CA TYR A 224 2.77 -6.41 -9.02
C TYR A 224 2.91 -5.82 -10.44
N GLY A 225 4.14 -5.56 -10.88
CA GLY A 225 4.39 -4.93 -12.17
C GLY A 225 4.00 -5.69 -13.42
N GLU A 226 4.36 -6.97 -13.48
CA GLU A 226 4.12 -7.82 -14.66
C GLU A 226 2.64 -7.93 -15.03
N THR A 227 1.82 -8.32 -14.06
CA THR A 227 0.35 -8.39 -14.19
C THR A 227 -0.19 -6.98 -14.49
N GLY A 228 0.29 -5.99 -13.73
CA GLY A 228 -0.04 -4.57 -13.86
C GLY A 228 0.06 -4.08 -15.28
N ILE A 229 1.28 -4.13 -15.86
CA ILE A 229 1.52 -3.68 -17.22
C ILE A 229 0.85 -4.56 -18.31
N GLU A 230 0.59 -5.85 -18.02
CA GLU A 230 -0.07 -6.69 -19.03
C GLU A 230 -1.50 -6.22 -19.23
N ALA A 231 -2.20 -5.85 -18.12
CA ALA A 231 -3.55 -5.30 -18.18
C ALA A 231 -3.46 -3.96 -18.93
N PHE A 232 -2.49 -3.10 -18.54
CA PHE A 232 -2.32 -1.83 -19.24
C PHE A 232 -2.22 -2.09 -20.73
N GLU A 233 -1.30 -2.99 -21.14
CA GLU A 233 -1.08 -3.38 -22.54
C GLU A 233 -2.38 -3.73 -23.25
N GLN A 234 -3.29 -4.52 -22.58
CA GLN A 234 -4.59 -4.91 -23.14
C GLN A 234 -5.52 -3.71 -23.26
N GLU A 235 -5.59 -2.90 -22.19
CA GLU A 235 -6.41 -1.67 -22.14
C GLU A 235 -5.98 -0.66 -23.20
N ALA A 236 -4.66 -0.51 -23.41
CA ALA A 236 -4.06 0.35 -24.42
C ALA A 236 -4.45 -0.10 -25.84
N ARG A 237 -4.38 -1.43 -26.10
CA ARG A 237 -4.68 -2.08 -27.38
C ARG A 237 -6.10 -1.78 -27.82
N LEU A 238 -7.07 -1.79 -26.87
CA LEU A 238 -8.47 -1.48 -27.13
C LEU A 238 -8.65 -0.01 -27.55
N ARG A 239 -7.89 0.89 -26.94
CA ARG A 239 -7.98 2.33 -27.19
C ARG A 239 -7.04 2.83 -28.29
N ASN A 240 -6.64 1.91 -29.21
CA ASN A 240 -5.73 2.16 -30.35
C ASN A 240 -4.40 2.83 -29.92
N ILE A 241 -3.83 2.37 -28.78
CA ILE A 241 -2.57 2.87 -28.22
C ILE A 241 -1.45 1.86 -28.44
N SER A 242 -0.43 2.26 -29.17
CA SER A 242 0.72 1.41 -29.46
C SER A 242 1.86 1.70 -28.50
N ILE A 243 2.48 0.61 -28.01
CA ILE A 243 3.61 0.66 -27.11
C ILE A 243 4.89 0.69 -27.93
N ALA A 244 5.62 1.80 -27.83
CA ALA A 244 6.87 2.07 -28.52
C ALA A 244 7.93 1.08 -28.07
N THR A 245 8.13 0.97 -26.76
CA THR A 245 9.08 0.03 -26.17
C THR A 245 8.54 -0.44 -24.85
N ALA A 246 8.63 -1.74 -24.60
CA ALA A 246 8.17 -2.32 -23.36
C ALA A 246 9.36 -2.95 -22.66
N GLU A 247 9.82 -2.31 -21.61
CA GLU A 247 10.95 -2.81 -20.86
C GLU A 247 10.52 -3.32 -19.49
N LYS A 248 11.35 -4.17 -18.90
CA LYS A 248 11.13 -4.79 -17.59
C LYS A 248 12.41 -4.67 -16.75
N VAL A 249 12.23 -4.25 -15.49
CA VAL A 249 13.32 -4.04 -14.54
C VAL A 249 13.16 -4.94 -13.30
N GLY A 250 14.27 -5.27 -12.67
CA GLY A 250 14.24 -6.11 -11.47
C GLY A 250 15.53 -6.85 -11.23
N ARG A 251 15.63 -7.44 -10.01
CA ARG A 251 16.79 -8.20 -9.51
C ARG A 251 17.29 -9.32 -10.42
N SER A 252 16.40 -10.05 -11.11
CA SER A 252 16.81 -11.18 -11.93
C SER A 252 17.76 -10.79 -13.05
N ASN A 253 18.58 -11.78 -13.48
CA ASN A 253 19.54 -11.65 -14.57
C ASN A 253 18.87 -11.66 -15.95
N ILE A 254 17.54 -11.68 -16.02
CA ILE A 254 16.85 -11.66 -17.31
C ILE A 254 16.79 -10.19 -17.75
N ARG A 255 16.66 -9.30 -16.74
CA ARG A 255 16.50 -7.85 -16.87
C ARG A 255 17.75 -7.04 -17.13
N LYS A 256 17.59 -5.99 -17.97
CA LYS A 256 18.59 -4.96 -18.26
C LYS A 256 18.80 -4.04 -17.02
N SER A 257 19.85 -3.21 -17.06
CA SER A 257 20.16 -2.22 -16.04
C SER A 257 19.20 -1.06 -16.24
N TYR A 258 19.05 -0.21 -15.21
CA TYR A 258 18.24 0.98 -15.30
C TYR A 258 18.82 1.91 -16.40
N ASP A 259 20.18 1.96 -16.50
CA ASP A 259 20.89 2.75 -17.51
C ASP A 259 20.65 2.21 -18.91
N SER A 260 20.53 0.88 -19.04
CA SER A 260 20.25 0.26 -20.32
C SER A 260 18.80 0.53 -20.75
N VAL A 261 17.87 0.57 -19.76
CA VAL A 261 16.43 0.79 -19.97
C VAL A 261 16.18 2.23 -20.46
N ILE A 262 16.83 3.21 -19.82
CA ILE A 262 16.75 4.64 -20.19
C ILE A 262 17.25 4.80 -21.62
N ARG A 263 18.29 4.05 -21.98
CA ARG A 263 18.86 4.03 -23.33
C ARG A 263 17.85 3.48 -24.34
N GLU A 264 17.07 2.46 -23.96
CA GLU A 264 16.04 1.86 -24.83
C GLU A 264 14.87 2.83 -25.04
N LEU A 265 14.55 3.64 -23.99
CA LEU A 265 13.49 4.65 -24.03
C LEU A 265 13.93 5.80 -24.92
N LEU A 266 15.20 6.27 -24.74
CA LEU A 266 15.80 7.36 -25.53
C LEU A 266 15.95 7.00 -27.00
N GLN A 267 16.37 5.73 -27.31
CA GLN A 267 16.52 5.20 -28.67
C GLN A 267 15.16 5.07 -29.41
N LYS A 268 14.07 5.57 -28.79
CA LYS A 268 12.69 5.67 -29.28
C LYS A 268 12.23 7.12 -28.97
N PRO A 269 12.69 8.11 -29.77
CA PRO A 269 12.39 9.52 -29.44
C PRO A 269 10.93 9.94 -29.54
N ASN A 270 10.16 9.26 -30.42
CA ASN A 270 8.75 9.59 -30.62
C ASN A 270 7.86 9.37 -29.33
N ALA A 271 8.28 8.48 -28.39
CA ALA A 271 7.58 8.21 -27.13
C ALA A 271 8.02 9.13 -25.98
N ARG A 272 7.31 10.25 -25.79
CA ARG A 272 7.60 11.24 -24.74
C ARG A 272 6.98 10.78 -23.41
N VAL A 273 5.85 10.05 -23.49
CA VAL A 273 5.16 9.49 -22.34
C VAL A 273 5.65 8.08 -22.08
N VAL A 274 5.99 7.81 -20.81
CA VAL A 274 6.46 6.50 -20.36
C VAL A 274 5.58 6.04 -19.20
N VAL A 275 4.85 4.94 -19.41
CA VAL A 275 3.96 4.36 -18.39
C VAL A 275 4.79 3.52 -17.43
N LEU A 276 4.56 3.69 -16.12
CA LEU A 276 5.30 2.93 -15.12
C LEU A 276 4.39 2.09 -14.21
N PHE A 277 4.66 0.78 -14.14
CA PHE A 277 3.97 -0.13 -13.27
C PHE A 277 5.10 -0.78 -12.50
N MET A 278 5.64 0.00 -11.58
CA MET A 278 6.82 -0.37 -10.84
C MET A 278 6.72 -0.20 -9.35
N ARG A 279 7.59 -0.91 -8.63
CA ARG A 279 7.70 -0.78 -7.19
C ARG A 279 8.43 0.53 -6.89
N SER A 280 8.39 0.98 -5.62
CA SER A 280 9.04 2.21 -5.15
C SER A 280 10.55 2.19 -5.30
N ASP A 281 11.19 1.04 -5.02
CA ASP A 281 12.64 0.92 -5.12
C ASP A 281 13.07 1.06 -6.55
N ASP A 282 12.40 0.37 -7.46
CA ASP A 282 12.69 0.42 -8.88
C ASP A 282 12.40 1.82 -9.41
N SER A 283 11.25 2.42 -8.99
CA SER A 283 10.82 3.78 -9.37
C SER A 283 11.89 4.81 -9.03
N ARG A 284 12.45 4.73 -7.81
CA ARG A 284 13.49 5.61 -7.31
C ARG A 284 14.77 5.45 -8.16
N GLU A 285 15.11 4.19 -8.52
CA GLU A 285 16.28 3.87 -9.31
C GLU A 285 16.18 4.30 -10.76
N LEU A 286 15.03 4.09 -11.41
CA LEU A 286 14.79 4.46 -12.80
C LEU A 286 14.87 5.97 -12.99
N ILE A 287 14.28 6.72 -12.03
CA ILE A 287 14.27 8.18 -11.97
C ILE A 287 15.72 8.70 -11.83
N ALA A 288 16.54 8.02 -10.99
CA ALA A 288 17.96 8.35 -10.79
C ALA A 288 18.77 8.17 -12.08
N ALA A 289 18.53 7.05 -12.82
CA ALA A 289 19.18 6.70 -14.08
C ALA A 289 18.85 7.71 -15.15
N ALA A 290 17.60 8.22 -15.10
CA ALA A 290 17.10 9.23 -16.02
C ALA A 290 17.87 10.54 -15.80
N SER A 291 18.00 10.98 -14.53
CA SER A 291 18.74 12.18 -14.12
C SER A 291 20.20 12.11 -14.62
N ARG A 292 20.77 10.89 -14.57
CA ARG A 292 22.15 10.59 -14.99
C ARG A 292 22.31 10.43 -16.53
N ALA A 293 21.28 10.85 -17.31
CA ALA A 293 21.29 10.72 -18.77
C ALA A 293 20.80 11.96 -19.54
N ASN A 294 20.30 13.00 -18.81
CA ASN A 294 19.71 14.24 -19.34
C ASN A 294 18.40 13.89 -20.08
N ALA A 295 17.76 12.79 -19.62
CA ALA A 295 16.51 12.26 -20.16
C ALA A 295 15.33 12.89 -19.42
N SER A 296 14.42 13.52 -20.18
CA SER A 296 13.24 14.17 -19.61
C SER A 296 12.02 13.59 -20.31
N PHE A 297 11.28 12.72 -19.60
CA PHE A 297 10.06 12.09 -20.09
C PHE A 297 8.89 12.53 -19.26
N THR A 298 7.69 12.25 -19.77
CA THR A 298 6.45 12.55 -19.06
C THR A 298 5.99 11.22 -18.49
N TRP A 299 6.27 11.00 -17.20
CA TRP A 299 5.93 9.76 -16.53
C TRP A 299 4.46 9.72 -16.13
N VAL A 300 3.85 8.56 -16.33
CA VAL A 300 2.50 8.25 -15.91
C VAL A 300 2.73 7.00 -15.09
N ALA A 301 2.76 7.14 -13.76
CA ALA A 301 3.06 6.02 -12.86
C ALA A 301 1.90 5.55 -11.98
N SER A 302 1.90 4.24 -11.68
CA SER A 302 0.93 3.56 -10.81
C SER A 302 1.22 3.86 -9.31
N ASP A 303 0.37 3.33 -8.41
CA ASP A 303 0.43 3.56 -6.95
C ASP A 303 1.78 3.20 -6.29
N GLY A 304 2.56 2.33 -6.94
CA GLY A 304 3.89 1.95 -6.47
C GLY A 304 4.70 3.20 -6.28
N TRP A 305 4.53 4.17 -7.19
CA TRP A 305 5.14 5.50 -7.10
C TRP A 305 4.15 6.38 -6.28
N GLY A 306 2.87 6.46 -6.71
CA GLY A 306 1.80 7.21 -6.04
C GLY A 306 2.15 8.65 -5.73
N ALA A 307 1.70 9.19 -4.57
CA ALA A 307 2.03 10.58 -4.23
C ALA A 307 3.12 10.64 -3.12
N GLN A 308 4.21 9.87 -3.34
CA GLN A 308 5.32 9.70 -2.39
C GLN A 308 6.53 10.56 -2.67
N GLU A 309 6.99 11.31 -1.65
CA GLU A 309 8.13 12.23 -1.72
C GLU A 309 9.48 11.53 -1.81
N SER A 310 9.56 10.35 -1.16
CA SER A 310 10.74 9.48 -1.07
C SER A 310 11.28 9.04 -2.44
N ILE A 311 10.38 8.78 -3.40
CA ILE A 311 10.71 8.32 -4.75
C ILE A 311 11.44 9.42 -5.51
N ILE A 312 10.89 10.65 -5.42
CA ILE A 312 11.34 11.85 -6.13
C ILE A 312 12.45 12.64 -5.42
N LYS A 313 12.69 12.36 -4.12
CA LYS A 313 13.71 13.07 -3.32
C LYS A 313 15.12 13.04 -3.93
N GLY A 314 15.68 14.24 -4.14
CA GLY A 314 17.00 14.44 -4.72
C GLY A 314 17.07 14.37 -6.23
N SER A 315 15.92 14.12 -6.88
CA SER A 315 15.78 14.04 -8.34
C SER A 315 14.44 14.68 -8.79
N GLU A 316 14.10 15.83 -8.17
CA GLU A 316 12.89 16.60 -8.41
C GLU A 316 12.72 17.08 -9.87
N HIS A 317 13.81 17.61 -10.45
CA HIS A 317 13.89 18.15 -11.81
C HIS A 317 13.53 17.16 -12.91
N VAL A 318 14.05 15.92 -12.80
CA VAL A 318 13.86 14.87 -13.80
C VAL A 318 12.43 14.25 -13.78
N ALA A 319 11.70 14.41 -12.65
CA ALA A 319 10.34 13.90 -12.47
C ALA A 319 9.28 14.99 -12.59
N TYR A 320 9.67 16.25 -12.75
CA TYR A 320 8.74 17.36 -12.87
C TYR A 320 7.72 17.11 -14.00
N GLY A 321 6.44 17.28 -13.67
CA GLY A 321 5.33 17.09 -14.60
C GLY A 321 4.78 15.69 -14.62
N ALA A 322 5.29 14.80 -13.73
CA ALA A 322 4.83 13.42 -13.61
C ALA A 322 3.35 13.36 -13.24
N ILE A 323 2.67 12.31 -13.72
CA ILE A 323 1.25 12.07 -13.45
C ILE A 323 1.24 10.72 -12.76
N THR A 324 0.96 10.72 -11.46
CA THR A 324 0.98 9.47 -10.69
C THR A 324 -0.40 9.14 -10.17
N LEU A 325 -0.70 7.87 -10.07
CA LEU A 325 -1.95 7.47 -9.49
C LEU A 325 -1.78 7.07 -8.06
N GLU A 326 -2.90 6.89 -7.43
CA GLU A 326 -2.94 6.41 -6.07
C GLU A 326 -4.41 6.15 -5.81
N LEU A 327 -4.68 5.20 -4.94
CA LEU A 327 -6.01 4.79 -4.54
C LEU A 327 -6.75 5.92 -3.87
N ALA A 328 -8.04 6.03 -4.13
CA ALA A 328 -8.88 7.09 -3.58
C ALA A 328 -9.14 6.88 -2.09
N SER A 329 -8.69 7.83 -1.28
CA SER A 329 -8.87 7.77 0.17
C SER A 329 -9.09 9.14 0.79
N GLN A 330 -9.80 9.16 1.91
CA GLN A 330 -10.09 10.33 2.76
C GLN A 330 -9.28 10.10 4.08
N PRO A 331 -8.51 11.08 4.59
CA PRO A 331 -7.74 10.82 5.81
C PRO A 331 -8.62 10.64 7.04
N VAL A 332 -8.31 9.59 7.83
CA VAL A 332 -8.94 9.25 9.11
C VAL A 332 -8.41 10.29 10.11
N ARG A 333 -9.19 11.34 10.34
CA ARG A 333 -8.80 12.48 11.16
C ARG A 333 -8.42 12.13 12.60
N GLN A 334 -9.12 11.14 13.18
CA GLN A 334 -8.92 10.68 14.56
C GLN A 334 -7.51 10.10 14.72
N PHE A 335 -7.02 9.37 13.68
CA PHE A 335 -5.68 8.80 13.62
C PHE A 335 -4.59 9.91 13.57
N ASP A 336 -4.90 11.06 12.93
CA ASP A 336 -3.99 12.21 12.84
C ASP A 336 -3.59 12.62 14.24
N ARG A 337 -4.59 12.73 15.16
CA ARG A 337 -4.41 13.07 16.58
C ARG A 337 -3.58 11.99 17.28
N TYR A 338 -3.79 10.72 16.92
CA TYR A 338 -3.09 9.58 17.51
C TYR A 338 -1.59 9.64 17.21
N PHE A 339 -1.21 9.50 15.92
CA PHE A 339 0.18 9.52 15.44
C PHE A 339 1.01 10.68 15.98
N GLN A 340 0.43 11.88 15.92
CA GLN A 340 1.05 13.11 16.37
C GLN A 340 1.33 13.10 17.87
N SER A 341 0.48 12.38 18.65
CA SER A 341 0.64 12.24 20.11
C SER A 341 1.82 11.34 20.49
N LEU A 342 2.20 10.41 19.59
CA LEU A 342 3.31 9.49 19.80
C LEU A 342 4.66 10.23 19.79
N ASN A 343 5.60 9.75 20.61
CA ASN A 343 6.98 10.24 20.76
C ASN A 343 7.84 9.09 21.32
N PRO A 344 9.20 9.20 21.39
CA PRO A 344 9.97 8.05 21.91
C PRO A 344 9.90 7.83 23.43
N TYR A 345 9.06 8.60 24.14
CA TYR A 345 8.96 8.48 25.61
C TYR A 345 7.63 7.92 26.10
N ASN A 346 6.58 7.96 25.26
CA ASN A 346 5.26 7.45 25.60
C ASN A 346 4.96 6.14 24.89
N ASN A 347 5.49 5.97 23.67
CA ASN A 347 5.28 4.80 22.84
C ASN A 347 6.31 3.70 23.10
N HIS A 348 6.02 2.87 24.11
CA HIS A 348 6.86 1.74 24.49
C HIS A 348 6.48 0.47 23.75
N ARG A 349 5.16 0.34 23.41
CA ARG A 349 4.62 -0.83 22.73
C ARG A 349 5.20 -1.05 21.32
N ASN A 350 5.76 -0.01 20.68
CA ASN A 350 6.37 -0.20 19.36
C ASN A 350 7.93 -0.32 19.42
N PRO A 351 8.51 -1.54 19.20
CA PRO A 351 9.97 -1.71 19.26
C PRO A 351 10.78 -1.07 18.12
N TRP A 352 10.11 -0.69 17.01
CA TRP A 352 10.82 -0.04 15.92
C TRP A 352 10.72 1.50 16.00
N PHE A 353 9.80 2.05 16.84
CA PHE A 353 9.53 3.48 16.93
C PHE A 353 10.76 4.40 17.23
N ARG A 354 11.81 3.91 17.93
CA ARG A 354 12.97 4.78 18.19
C ARG A 354 13.86 4.87 16.97
N ASP A 355 13.92 3.78 16.19
CA ASP A 355 14.70 3.71 14.97
C ASP A 355 14.11 4.64 13.94
N PHE A 356 12.77 4.65 13.88
CA PHE A 356 11.95 5.52 13.04
C PHE A 356 12.20 7.00 13.42
N TRP A 357 12.09 7.31 14.73
CA TRP A 357 12.26 8.66 15.25
C TRP A 357 13.69 9.19 14.98
N GLU A 358 14.71 8.31 15.15
CA GLU A 358 16.12 8.63 14.91
C GLU A 358 16.36 8.97 13.44
N GLN A 359 15.63 8.27 12.54
CA GLN A 359 15.71 8.43 11.09
C GLN A 359 15.05 9.73 10.58
N LYS A 360 13.73 9.90 10.88
CA LYS A 360 12.87 11.05 10.56
C LYS A 360 13.46 12.36 11.00
N PHE A 361 14.23 12.35 12.10
CA PHE A 361 14.77 13.59 12.63
C PHE A 361 16.29 13.70 12.55
N GLN A 362 16.96 12.75 11.86
CA GLN A 362 18.42 12.70 11.67
C GLN A 362 19.20 13.06 12.96
N CYS A 363 18.96 12.26 14.01
CA CYS A 363 19.56 12.44 15.35
C CYS A 363 19.72 11.11 16.14
N SER A 364 20.33 11.20 17.32
CA SER A 364 20.58 10.08 18.22
C SER A 364 19.80 10.20 19.54
N LEU A 365 19.43 9.04 20.11
CA LEU A 365 18.71 8.92 21.38
C LEU A 365 19.57 8.21 22.45
N ARG A 373 24.91 14.12 16.45
CA ARG A 373 23.69 14.93 16.51
C ARG A 373 22.68 14.29 17.46
N VAL A 374 22.31 15.02 18.52
CA VAL A 374 21.39 14.53 19.56
C VAL A 374 20.00 15.17 19.38
N CYS A 375 18.92 14.35 19.51
CA CYS A 375 17.52 14.81 19.38
C CYS A 375 17.15 15.82 20.48
N ASP A 376 16.17 16.69 20.18
CA ASP A 376 15.58 17.64 21.11
C ASP A 376 14.37 16.92 21.74
N LYS A 377 14.35 16.86 23.08
CA LYS A 377 13.30 16.25 23.91
C LYS A 377 11.89 16.76 23.55
N HIS A 378 11.80 18.01 23.05
CA HIS A 378 10.57 18.74 22.69
C HIS A 378 10.06 18.47 21.28
N LEU A 379 10.77 17.63 20.50
CA LEU A 379 10.40 17.26 19.12
C LEU A 379 9.07 16.53 19.08
N ALA A 380 8.31 16.71 17.97
CA ALA A 380 6.98 16.09 17.75
C ALA A 380 6.57 15.92 16.28
N ILE A 381 5.69 14.93 16.04
CA ILE A 381 5.04 14.66 14.75
C ILE A 381 3.91 15.71 14.71
N ASP A 382 3.90 16.55 13.66
CA ASP A 382 2.94 17.64 13.47
C ASP A 382 2.81 17.96 11.99
N SER A 383 1.90 18.88 11.61
CA SER A 383 1.67 19.34 10.23
C SER A 383 2.93 19.81 9.48
N SER A 384 3.97 20.29 10.21
CA SER A 384 5.24 20.71 9.61
C SER A 384 6.10 19.50 9.12
N ASN A 385 5.89 18.32 9.68
CA ASN A 385 6.67 17.16 9.26
C ASN A 385 5.82 15.89 9.00
N TYR A 386 4.49 16.05 8.92
CA TYR A 386 3.59 14.90 8.77
C TYR A 386 2.32 15.22 7.98
N GLU A 387 1.93 14.23 7.18
CA GLU A 387 0.73 14.18 6.36
C GLU A 387 0.37 12.71 6.30
N GLN A 388 -0.87 12.36 6.72
CA GLN A 388 -1.37 10.99 6.75
C GLN A 388 -1.06 10.32 5.42
N GLU A 389 -0.47 9.14 5.48
CA GLU A 389 -0.14 8.30 4.32
C GLU A 389 -1.46 7.93 3.59
N SER A 390 -1.44 8.00 2.23
CA SER A 390 -2.60 7.73 1.37
C SER A 390 -3.43 6.48 1.73
N LYS A 391 -2.81 5.33 2.08
CA LYS A 391 -3.55 4.09 2.34
C LYS A 391 -3.87 3.77 3.81
N ILE A 392 -3.68 4.73 4.74
CA ILE A 392 -4.00 4.51 6.17
C ILE A 392 -5.48 4.09 6.34
N MET A 393 -6.39 4.76 5.62
CA MET A 393 -7.81 4.46 5.62
C MET A 393 -8.04 2.93 5.49
N PHE A 394 -7.34 2.30 4.51
CA PHE A 394 -7.40 0.87 4.17
C PHE A 394 -6.86 -0.05 5.25
N VAL A 395 -5.83 0.38 6.00
CA VAL A 395 -5.25 -0.35 7.14
C VAL A 395 -6.34 -0.48 8.23
N VAL A 396 -6.97 0.66 8.62
CA VAL A 396 -8.05 0.72 9.61
C VAL A 396 -9.20 -0.21 9.17
N ASN A 397 -9.64 -0.10 7.89
CA ASN A 397 -10.74 -0.90 7.35
C ASN A 397 -10.49 -2.38 7.37
N ALA A 398 -9.24 -2.78 7.15
CA ALA A 398 -8.86 -4.18 7.12
C ALA A 398 -8.99 -4.77 8.54
N VAL A 399 -8.53 -4.01 9.56
CA VAL A 399 -8.65 -4.40 10.98
C VAL A 399 -10.15 -4.51 11.37
N TYR A 400 -10.94 -3.47 11.03
CA TYR A 400 -12.35 -3.39 11.31
C TYR A 400 -13.16 -4.49 10.62
N ALA A 401 -12.83 -4.80 9.35
CA ALA A 401 -13.53 -5.84 8.58
C ALA A 401 -13.37 -7.18 9.25
N MET A 402 -12.15 -7.48 9.76
CA MET A 402 -11.81 -8.70 10.50
C MET A 402 -12.67 -8.74 11.78
N ALA A 403 -12.64 -7.63 12.55
CA ALA A 403 -13.37 -7.44 13.79
C ALA A 403 -14.89 -7.59 13.63
N HIS A 404 -15.47 -7.11 12.50
CA HIS A 404 -16.91 -7.22 12.24
C HIS A 404 -17.36 -8.67 11.99
N ALA A 405 -16.54 -9.44 11.24
CA ALA A 405 -16.78 -10.86 10.94
C ALA A 405 -16.77 -11.69 12.22
N LEU A 406 -15.84 -11.37 13.15
CA LEU A 406 -15.70 -12.06 14.44
C LEU A 406 -16.91 -11.79 15.29
N HIS A 407 -17.44 -10.56 15.22
CA HIS A 407 -18.65 -10.12 15.91
C HIS A 407 -19.88 -10.88 15.40
N LYS A 408 -20.01 -11.02 14.06
CA LYS A 408 -21.13 -11.75 13.43
C LYS A 408 -21.13 -13.24 13.86
N MET A 409 -19.94 -13.89 13.80
CA MET A 409 -19.71 -15.29 14.18
C MET A 409 -20.07 -15.52 15.67
N GLN A 410 -19.65 -14.58 16.55
CA GLN A 410 -19.95 -14.63 17.98
C GLN A 410 -21.44 -14.44 18.26
N ARG A 411 -22.13 -13.53 17.53
CA ARG A 411 -23.57 -13.25 17.73
C ARG A 411 -24.42 -14.45 17.35
N THR A 412 -23.86 -15.33 16.50
CA THR A 412 -24.46 -16.56 16.03
C THR A 412 -24.18 -17.67 17.08
N LEU A 413 -22.89 -18.07 17.23
CA LEU A 413 -22.43 -19.12 18.13
C LEU A 413 -22.75 -18.91 19.61
N CYS A 414 -22.53 -17.68 20.11
CA CYS A 414 -22.70 -17.28 21.51
C CYS A 414 -23.81 -16.22 21.64
N PRO A 415 -25.11 -16.50 21.37
CA PRO A 415 -26.11 -15.42 21.46
C PRO A 415 -26.47 -15.01 22.87
N ASN A 416 -26.24 -15.89 23.85
CA ASN A 416 -26.59 -15.63 25.24
C ASN A 416 -25.40 -15.04 26.07
N THR A 417 -24.31 -14.53 25.37
CA THR A 417 -23.09 -13.93 25.95
C THR A 417 -22.30 -13.02 24.98
N THR A 418 -21.52 -12.05 25.53
CA THR A 418 -20.64 -11.14 24.81
C THR A 418 -19.30 -11.86 24.63
N LYS A 419 -18.96 -12.67 25.64
CA LYS A 419 -17.75 -13.47 25.80
C LYS A 419 -17.56 -14.56 24.75
N LEU A 420 -16.32 -15.05 24.64
CA LEU A 420 -15.97 -16.12 23.71
C LEU A 420 -16.34 -17.46 24.33
N CYS A 421 -17.59 -17.89 24.08
CA CYS A 421 -18.21 -19.12 24.60
C CYS A 421 -17.49 -20.40 24.13
N ASP A 422 -17.88 -21.55 24.70
CA ASP A 422 -17.30 -22.86 24.38
C ASP A 422 -17.34 -23.18 22.88
N ALA A 423 -18.45 -22.81 22.19
CA ALA A 423 -18.67 -23.01 20.75
C ALA A 423 -17.67 -22.25 19.85
N MET A 424 -17.08 -21.14 20.34
CA MET A 424 -16.11 -20.34 19.59
C MET A 424 -14.65 -20.53 20.09
N LYS A 425 -14.39 -21.56 20.95
CA LYS A 425 -13.04 -21.86 21.44
C LYS A 425 -12.11 -22.30 20.31
N ILE A 426 -12.50 -23.36 19.56
CA ILE A 426 -11.72 -23.79 18.40
C ILE A 426 -12.34 -23.08 17.19
N LEU A 427 -11.65 -22.05 16.67
CA LEU A 427 -12.09 -21.21 15.55
C LEU A 427 -12.07 -21.92 14.20
N ASP A 428 -13.21 -21.84 13.47
CA ASP A 428 -13.32 -22.41 12.14
C ASP A 428 -13.05 -21.32 11.12
N GLY A 429 -11.79 -21.29 10.66
CA GLY A 429 -11.27 -20.35 9.67
C GLY A 429 -12.04 -20.34 8.36
N LYS A 430 -12.31 -21.55 7.77
CA LYS A 430 -13.12 -21.69 6.54
C LYS A 430 -14.50 -21.01 6.68
N LYS A 431 -15.20 -21.25 7.81
CA LYS A 431 -16.47 -20.57 8.11
C LYS A 431 -16.22 -19.06 8.28
N LEU A 432 -15.22 -18.67 9.11
CA LEU A 432 -14.85 -17.26 9.34
C LEU A 432 -14.60 -16.43 8.03
N TYR A 433 -13.92 -17.00 7.04
CA TYR A 433 -13.65 -16.31 5.80
C TYR A 433 -14.88 -16.22 4.89
N LYS A 434 -15.45 -17.38 4.50
CA LYS A 434 -16.54 -17.49 3.53
C LYS A 434 -17.91 -17.05 4.03
N ASP A 435 -18.28 -17.46 5.23
CA ASP A 435 -19.61 -17.16 5.78
C ASP A 435 -19.67 -15.85 6.54
N TYR A 436 -18.52 -15.27 6.93
CA TYR A 436 -18.55 -14.06 7.73
C TYR A 436 -17.77 -12.88 7.16
N LEU A 437 -16.43 -13.01 6.93
CA LEU A 437 -15.56 -11.94 6.42
C LEU A 437 -16.16 -11.23 5.17
N LEU A 438 -17.06 -11.89 4.48
CA LEU A 438 -17.80 -11.27 3.40
C LEU A 438 -19.13 -10.68 4.04
N LYS A 439 -18.92 -9.52 4.75
CA LYS A 439 -19.77 -8.59 5.52
C LYS A 439 -19.95 -7.20 4.84
N ILE A 440 -20.63 -6.26 5.54
CA ILE A 440 -20.98 -4.89 5.13
C ILE A 440 -21.15 -3.93 6.36
N ASN A 441 -20.17 -3.03 6.57
CA ASN A 441 -20.15 -2.02 7.62
C ASN A 441 -19.83 -0.66 6.99
N PHE A 442 -20.33 0.43 7.59
CA PHE A 442 -20.03 1.80 7.15
C PHE A 442 -18.66 2.11 7.76
N THR A 443 -17.68 2.51 6.93
CA THR A 443 -16.29 2.82 7.35
C THR A 443 -16.25 3.63 8.66
N ALA A 444 -15.53 3.08 9.64
CA ALA A 444 -15.35 3.68 10.96
C ALA A 444 -14.51 4.95 10.86
N PRO A 445 -14.78 5.99 11.66
CA PRO A 445 -13.93 7.19 11.57
C PRO A 445 -12.59 7.03 12.30
N ASP A 451 -19.84 9.07 1.92
CA ASP A 451 -21.27 9.40 1.90
C ASP A 451 -22.14 8.18 1.55
N ALA A 452 -21.80 7.47 0.46
CA ALA A 452 -22.46 6.26 -0.04
C ALA A 452 -21.41 5.19 -0.33
N ASP A 453 -20.28 5.61 -0.97
CA ASP A 453 -19.10 4.78 -1.31
C ASP A 453 -18.17 4.63 -0.06
N SER A 454 -18.74 4.83 1.15
CA SER A 454 -18.10 4.75 2.45
C SER A 454 -18.38 3.40 3.14
N ILE A 455 -18.94 2.40 2.43
CA ILE A 455 -19.18 1.13 3.09
C ILE A 455 -18.11 0.11 2.69
N VAL A 456 -17.52 -0.51 3.72
CA VAL A 456 -16.50 -1.56 3.62
C VAL A 456 -17.20 -2.88 3.31
N LYS A 457 -16.92 -3.41 2.13
CA LYS A 457 -17.47 -4.67 1.60
C LYS A 457 -16.45 -5.32 0.66
N PHE A 458 -16.64 -6.60 0.35
CA PHE A 458 -15.77 -7.32 -0.57
C PHE A 458 -16.60 -7.88 -1.69
N ASP A 459 -16.02 -7.95 -2.90
CA ASP A 459 -16.71 -8.56 -4.03
C ASP A 459 -16.64 -10.09 -3.86
N THR A 460 -17.12 -10.85 -4.84
CA THR A 460 -17.08 -12.31 -4.74
C THR A 460 -15.63 -12.84 -4.65
N PHE A 461 -14.66 -12.07 -5.21
CA PHE A 461 -13.22 -12.39 -5.20
C PHE A 461 -12.51 -11.80 -3.99
N GLY A 462 -13.26 -11.22 -3.06
CA GLY A 462 -12.69 -10.62 -1.85
C GLY A 462 -11.93 -9.33 -2.03
N ASP A 463 -12.08 -8.65 -3.20
CA ASP A 463 -11.39 -7.39 -3.52
C ASP A 463 -12.23 -6.16 -3.19
N GLY A 464 -11.54 -5.03 -3.06
CA GLY A 464 -12.12 -3.74 -2.81
C GLY A 464 -12.53 -3.06 -4.10
N MET A 465 -13.00 -1.81 -3.98
CA MET A 465 -13.53 -1.02 -5.09
C MET A 465 -12.49 -0.22 -5.86
N GLY A 466 -12.57 -0.31 -7.19
CA GLY A 466 -11.73 0.39 -8.16
C GLY A 466 -12.03 1.89 -8.27
N ARG A 467 -11.41 2.68 -7.35
CA ARG A 467 -11.52 4.12 -7.18
C ARG A 467 -10.12 4.71 -6.98
N TYR A 468 -9.69 5.62 -7.87
CA TYR A 468 -8.34 6.19 -7.80
C TYR A 468 -8.33 7.67 -7.92
N ASN A 469 -7.31 8.32 -7.33
CA ASN A 469 -7.04 9.74 -7.44
C ASN A 469 -5.82 9.90 -8.34
N VAL A 470 -5.90 10.88 -9.26
CA VAL A 470 -4.87 11.22 -10.25
C VAL A 470 -4.13 12.43 -9.69
N PHE A 471 -2.79 12.36 -9.67
CA PHE A 471 -1.92 13.38 -9.10
C PHE A 471 -0.95 13.97 -10.09
N ASN A 472 -0.46 15.18 -9.81
CA ASN A 472 0.54 15.85 -10.63
C ASN A 472 1.66 16.43 -9.77
N PHE A 473 2.91 16.12 -10.16
CA PHE A 473 4.12 16.57 -9.48
C PHE A 473 4.50 17.93 -10.03
N GLN A 474 4.43 18.96 -9.15
CA GLN A 474 4.67 20.38 -9.46
C GLN A 474 5.50 21.10 -8.40
N ASN A 475 5.75 22.41 -8.66
CA ASN A 475 6.41 23.39 -7.82
C ASN A 475 5.32 24.45 -7.61
N VAL A 476 4.68 24.44 -6.42
CA VAL A 476 3.59 25.34 -6.05
C VAL A 476 4.04 26.78 -5.85
N GLY A 477 5.31 26.95 -5.48
CA GLY A 477 5.94 28.25 -5.24
C GLY A 477 7.16 28.12 -4.35
N GLY A 478 8.08 27.25 -4.76
CA GLY A 478 9.30 26.93 -4.04
C GLY A 478 9.26 25.51 -3.47
N LYS A 479 8.07 25.07 -3.03
CA LYS A 479 7.87 23.73 -2.47
C LYS A 479 7.26 22.74 -3.47
N TYR A 480 7.97 21.62 -3.66
CA TYR A 480 7.53 20.51 -4.52
C TYR A 480 6.47 19.72 -3.76
N SER A 481 5.37 19.37 -4.46
CA SER A 481 4.25 18.60 -3.90
C SER A 481 3.40 17.90 -4.98
N TYR A 482 2.45 17.07 -4.52
CA TYR A 482 1.51 16.32 -5.35
C TYR A 482 0.10 16.93 -5.21
N LEU A 483 -0.45 17.44 -6.32
CA LEU A 483 -1.79 18.03 -6.35
C LEU A 483 -2.77 17.09 -7.05
N LYS A 484 -4.00 16.94 -6.49
CA LYS A 484 -5.06 16.13 -7.07
C LYS A 484 -5.59 16.88 -8.30
N VAL A 485 -5.52 16.22 -9.45
CA VAL A 485 -5.90 16.74 -10.76
C VAL A 485 -7.04 15.91 -11.38
N GLY A 486 -7.42 14.84 -10.70
CA GLY A 486 -8.46 13.93 -11.17
C GLY A 486 -8.76 12.73 -10.30
N HIS A 487 -9.74 11.93 -10.77
CA HIS A 487 -10.27 10.75 -10.09
C HIS A 487 -10.77 9.77 -11.16
N TRP A 488 -10.84 8.48 -10.79
CA TRP A 488 -11.33 7.40 -11.62
C TRP A 488 -12.31 6.55 -10.76
N ALA A 489 -13.59 6.46 -11.17
CA ALA A 489 -14.66 5.78 -10.44
C ALA A 489 -15.10 4.54 -11.17
N GLU A 490 -15.38 4.70 -12.47
CA GLU A 490 -15.74 3.66 -13.42
C GLU A 490 -15.44 4.31 -14.74
N THR A 491 -15.49 5.67 -14.72
CA THR A 491 -15.17 6.63 -15.78
C THR A 491 -14.10 7.58 -15.20
N LEU A 492 -13.43 8.37 -16.06
CA LEU A 492 -12.37 9.31 -15.67
C LEU A 492 -12.84 10.77 -15.67
N SER A 493 -12.27 11.58 -14.77
CA SER A 493 -12.50 13.04 -14.70
C SER A 493 -11.19 13.76 -14.38
N LEU A 494 -10.96 14.90 -15.05
CA LEU A 494 -9.73 15.69 -14.92
C LEU A 494 -9.97 17.20 -14.86
N ASP A 495 -9.09 17.87 -14.12
CA ASP A 495 -9.04 19.33 -13.97
C ASP A 495 -7.77 19.72 -14.76
N VAL A 496 -7.84 19.62 -16.12
CA VAL A 496 -6.74 19.85 -17.08
C VAL A 496 -5.98 21.16 -16.83
N ASN A 497 -6.71 22.23 -16.49
CA ASN A 497 -6.13 23.55 -16.20
C ASN A 497 -5.22 23.56 -14.97
N SER A 498 -5.38 22.58 -14.05
CA SER A 498 -4.56 22.46 -12.84
C SER A 498 -3.19 21.85 -13.11
N ILE A 499 -3.09 20.96 -14.13
CA ILE A 499 -1.88 20.20 -14.48
C ILE A 499 -0.76 21.05 -15.07
N HIS A 500 0.47 20.84 -14.55
CA HIS A 500 1.69 21.47 -15.01
C HIS A 500 2.57 20.39 -15.63
N TRP A 501 2.87 20.52 -16.93
CA TRP A 501 3.63 19.55 -17.73
C TRP A 501 5.11 19.85 -17.84
N SER A 502 5.51 21.05 -17.46
CA SER A 502 6.90 21.49 -17.59
C SER A 502 7.32 22.33 -16.41
N ARG A 503 8.63 22.37 -16.15
CA ARG A 503 9.22 23.19 -15.10
C ARG A 503 9.26 24.65 -15.55
N ASN A 504 8.91 25.56 -14.63
CA ASN A 504 8.93 27.02 -14.82
C ASN A 504 10.38 27.43 -14.58
N SER A 505 11.25 27.11 -15.55
CA SER A 505 12.68 27.39 -15.49
C SER A 505 12.98 28.68 -16.23
N VAL A 506 13.64 29.62 -15.51
CA VAL A 506 14.06 30.95 -15.96
C VAL A 506 14.89 30.82 -17.26
N PRO A 507 14.60 31.62 -18.31
CA PRO A 507 15.42 31.53 -19.54
C PRO A 507 16.90 31.82 -19.31
N THR A 508 17.73 31.28 -20.21
CA THR A 508 19.18 31.43 -20.18
C THR A 508 19.59 32.37 -21.31
N SER A 509 20.33 33.42 -20.97
CA SER A 509 20.77 34.39 -21.95
C SER A 509 22.29 34.57 -21.97
N GLU A 510 22.98 33.60 -22.59
CA GLU A 510 24.44 33.61 -22.76
C GLU A 510 24.84 32.94 -24.07
#